data_2UWL
#
_entry.id   2UWL
#
_cell.length_a   56.547
_cell.length_b   72.573
_cell.length_c   79.072
_cell.angle_alpha   90.00
_cell.angle_beta   90.00
_cell.angle_gamma   90.00
#
_symmetry.space_group_name_H-M   'P 21 21 21'
#
loop_
_entity.id
_entity.type
_entity.pdbx_description
1 polymer 'COAGULATION FACTOR X'
2 polymer 'COAGULATION FACTOR X'
3 non-polymer 2-(5-CHLORO-2-THIENYL)-N-{(3S)-1-[(1S)-1-METHYL-2-MORPHOLIN-4-YL-2-OXOETHYL]-2-OXOPYRROLIDIN-3-YL}ETHENESULFONAMIDE
4 water water
#
loop_
_entity_poly.entity_id
_entity_poly.type
_entity_poly.pdbx_seq_one_letter_code
_entity_poly.pdbx_strand_id
1 'polypeptide(L)'
;IVGGQECKDGECPWQALLINEENEGFCGGTILSEFYILTAAHCLYQAKRFKVRVGDRNTEQEEGGEAVHEVEVVIKHNRF
TKETYDFDIAVLRLKTPITFRMNVAPACLPERDWAESTLMTQKTGIVSGFGRTHEKGRQSTRLKMLEVPYVDRNSCKLSS
SFIITQNMFCAGYDTKQEDACQGDSGGPHVTRFKDTYFVTGIVSWGEGCARKGKYGIYTKVTAFLKWIDRSMKTRGLPKA
KSHAPEVITSSPLK
;
A
2 'polypeptide(L)'
;EEMKKGHLERECMEETCSYEEAREVFEDSDKTNEFWNKYKDGDQCETSPCQNQGKCKDGLGEYTCTCLEGFEGKNCELFT
RKLCSLDNGDCDQFCHEEQNSVVCSCARGYTLADNGKACIPTGPYPCGKQTLER
;
B
#
# COMPACT_ATOMS: atom_id res chain seq x y z
N ILE A 1 2.31 -10.76 8.76
CA ILE A 1 1.92 -9.80 9.84
C ILE A 1 2.01 -10.42 11.24
N VAL A 2 2.75 -9.77 12.13
CA VAL A 2 2.82 -10.10 13.57
C VAL A 2 1.87 -9.24 14.36
N GLY A 3 0.99 -9.86 15.14
CA GLY A 3 -0.05 -9.11 15.83
C GLY A 3 -1.15 -8.70 14.84
N GLY A 4 -1.84 -7.61 15.14
CA GLY A 4 -2.94 -7.09 14.31
C GLY A 4 -4.08 -8.08 14.31
N GLN A 5 -4.94 -8.00 13.29
CA GLN A 5 -6.03 -8.92 13.17
C GLN A 5 -6.33 -9.36 11.73
N GLU A 6 -7.20 -10.36 11.57
CA GLU A 6 -7.52 -10.83 10.21
C GLU A 6 -8.23 -9.70 9.48
N CYS A 7 -8.02 -9.58 8.17
CA CYS A 7 -8.92 -8.77 7.36
C CYS A 7 -10.23 -9.50 7.31
N LYS A 8 -11.28 -8.83 7.75
CA LYS A 8 -12.64 -9.36 7.70
C LYS A 8 -13.19 -9.06 6.31
N ASP A 9 -14.38 -9.57 6.02
CA ASP A 9 -14.94 -9.53 4.68
C ASP A 9 -14.94 -8.10 4.12
N GLY A 10 -14.31 -7.94 2.96
CA GLY A 10 -14.28 -6.60 2.32
C GLY A 10 -13.34 -5.52 2.85
N GLU A 11 -12.58 -5.84 3.90
CA GLU A 11 -11.77 -4.82 4.55
C GLU A 11 -10.40 -4.48 3.92
N CYS A 12 -9.86 -5.40 3.14
CA CYS A 12 -8.51 -5.20 2.56
C CYS A 12 -8.56 -5.54 1.04
N PRO A 13 -9.49 -4.91 0.31
CA PRO A 13 -9.80 -5.40 -1.02
C PRO A 13 -8.70 -5.11 -2.05
N TRP A 14 -7.76 -4.24 -1.69
CA TRP A 14 -6.64 -3.86 -2.61
C TRP A 14 -5.43 -4.78 -2.47
N GLN A 15 -5.52 -5.77 -1.58
CA GLN A 15 -4.37 -6.70 -1.38
C GLN A 15 -4.21 -7.60 -2.62
N ALA A 16 -2.98 -7.74 -3.11
CA ALA A 16 -2.65 -8.73 -4.12
C ALA A 16 -1.57 -9.64 -3.54
N LEU A 17 -1.44 -10.84 -4.10
CA LEU A 17 -0.49 -11.83 -3.60
C LEU A 17 0.29 -12.35 -4.77
N LEU A 18 1.62 -12.25 -4.73
CA LEU A 18 2.44 -12.78 -5.82
C LEU A 18 2.64 -14.26 -5.47
N ILE A 19 2.38 -15.12 -6.44
CA ILE A 19 2.44 -16.56 -6.21
C ILE A 19 3.44 -17.18 -7.18
N ASN A 20 4.27 -18.05 -6.64
CA ASN A 20 5.26 -18.73 -7.46
C ASN A 20 4.65 -19.92 -8.21
N GLU A 21 5.53 -20.69 -8.87
CA GLU A 21 5.11 -21.81 -9.72
C GLU A 21 4.40 -22.91 -8.93
N GLU A 22 4.69 -22.99 -7.63
CA GLU A 22 4.04 -23.92 -6.71
C GLU A 22 2.72 -23.39 -6.13
N ASN A 23 2.22 -22.28 -6.67
CA ASN A 23 1.05 -21.58 -6.12
C ASN A 23 1.18 -21.14 -4.65
N GLU A 24 2.41 -20.87 -4.21
CA GLU A 24 2.71 -20.34 -2.88
C GLU A 24 3.01 -18.83 -2.92
N GLY A 25 2.37 -18.07 -2.03
CA GLY A 25 2.61 -16.62 -1.89
C GLY A 25 4.02 -16.36 -1.41
N PHE A 26 4.75 -15.47 -2.08
CA PHE A 26 6.05 -15.08 -1.57
C PHE A 26 6.18 -13.56 -1.33
N CYS A 27 5.17 -12.78 -1.73
CA CYS A 27 5.24 -11.31 -1.65
C CYS A 27 3.83 -10.75 -1.82
N GLY A 28 3.58 -9.53 -1.32
CA GLY A 28 2.27 -8.89 -1.51
C GLY A 28 2.34 -7.90 -2.65
N GLY A 29 1.21 -7.28 -2.94
CA GLY A 29 1.16 -6.14 -3.86
C GLY A 29 -0.12 -5.35 -3.57
N THR A 30 -0.25 -4.18 -4.20
CA THR A 30 -1.45 -3.34 -4.03
C THR A 30 -2.12 -3.15 -5.41
N ILE A 31 -3.42 -3.42 -5.48
CA ILE A 31 -4.15 -3.19 -6.72
C ILE A 31 -4.27 -1.68 -6.92
N LEU A 32 -3.77 -1.19 -8.07
CA LEU A 32 -3.89 0.23 -8.39
C LEU A 32 -5.00 0.52 -9.39
N SER A 33 -5.33 -0.46 -10.24
CA SER A 33 -6.37 -0.26 -11.27
C SER A 33 -6.64 -1.63 -11.88
N GLU A 34 -7.51 -1.71 -12.88
CA GLU A 34 -7.85 -3.04 -13.38
C GLU A 34 -6.65 -3.75 -14.01
N PHE A 35 -5.71 -2.96 -14.54
CA PHE A 35 -4.47 -3.53 -15.14
C PHE A 35 -3.17 -3.50 -14.34
N TYR A 36 -3.11 -2.80 -13.21
CA TYR A 36 -1.80 -2.55 -12.60
C TYR A 36 -1.72 -2.86 -11.13
N ILE A 37 -0.61 -3.51 -10.76
CA ILE A 37 -0.28 -3.83 -9.39
C ILE A 37 0.97 -3.10 -9.00
N LEU A 38 0.97 -2.56 -7.78
CA LEU A 38 2.16 -1.99 -7.19
C LEU A 38 2.85 -3.01 -6.31
N THR A 39 4.15 -3.14 -6.47
CA THR A 39 4.89 -4.04 -5.60
C THR A 39 6.32 -3.51 -5.33
N ALA A 40 7.10 -4.31 -4.60
CA ALA A 40 8.49 -3.97 -4.30
C ALA A 40 9.34 -4.56 -5.41
N ALA A 41 10.34 -3.80 -5.83
CA ALA A 41 11.33 -4.28 -6.81
C ALA A 41 12.10 -5.50 -6.29
N HIS A 42 12.40 -5.54 -5.00
CA HIS A 42 13.15 -6.68 -4.48
C HIS A 42 12.40 -8.02 -4.60
N CYS A 43 11.06 -7.95 -4.70
CA CYS A 43 10.25 -9.16 -4.81
C CYS A 43 10.44 -9.87 -6.14
N LEU A 44 10.90 -9.12 -7.13
CA LEU A 44 11.06 -9.64 -8.49
C LEU A 44 12.27 -10.57 -8.63
N TYR A 45 13.01 -10.76 -7.54
CA TYR A 45 14.15 -11.64 -7.53
C TYR A 45 13.88 -12.89 -6.69
N GLN A 46 12.62 -13.04 -6.26
CA GLN A 46 12.26 -14.14 -5.37
C GLN A 46 11.50 -15.27 -6.10
N ALA A 47 11.41 -15.15 -7.42
CA ALA A 47 10.77 -16.15 -8.26
C ALA A 47 11.17 -15.94 -9.72
N LYS A 48 11.28 -17.04 -10.45
CA LYS A 48 11.62 -16.97 -11.87
C LYS A 48 10.40 -16.59 -12.72
N ARG A 49 9.25 -17.07 -12.30
CA ARG A 49 8.02 -16.87 -13.03
C ARG A 49 6.97 -16.83 -11.93
N PHE A 50 6.08 -15.83 -12.00
CA PHE A 50 5.04 -15.69 -10.97
C PHE A 50 3.78 -15.09 -11.59
N LYS A 51 2.67 -15.26 -10.89
CA LYS A 51 1.40 -14.69 -11.31
C LYS A 51 0.87 -13.87 -10.11
N VAL A 52 -0.27 -13.23 -10.29
CA VAL A 52 -0.82 -12.38 -9.24
C VAL A 52 -2.20 -12.91 -8.88
N ARG A 53 -2.41 -13.24 -7.61
CA ARG A 53 -3.75 -13.59 -7.11
C ARG A 53 -4.44 -12.44 -6.36
N VAL A 54 -5.73 -12.26 -6.60
CA VAL A 54 -6.53 -11.24 -5.95
C VAL A 54 -7.82 -11.85 -5.39
N GLY A 55 -8.40 -11.21 -4.39
CA GLY A 55 -9.69 -11.62 -3.85
C GLY A 55 -9.59 -12.67 -2.75
N ASP A 56 -8.37 -13.06 -2.42
CA ASP A 56 -8.14 -14.20 -1.52
C ASP A 56 -8.03 -13.69 -0.08
N ARG A 57 -8.80 -14.26 0.84
CA ARG A 57 -8.54 -13.95 2.25
C ARG A 57 -8.05 -15.15 3.03
N ASN A 58 -8.39 -16.32 2.52
CA ASN A 58 -8.02 -17.55 3.19
C ASN A 58 -7.54 -18.48 2.10
N THR A 59 -6.23 -18.72 2.05
CA THR A 59 -5.63 -19.49 0.95
C THR A 59 -5.93 -20.98 1.04
N GLU A 60 -6.58 -21.41 2.13
CA GLU A 60 -6.94 -22.83 2.32
C GLU A 60 -8.31 -23.19 1.75
N GLN A 61 -9.14 -22.19 1.46
CA GLN A 61 -10.49 -22.42 0.97
C GLN A 61 -10.81 -21.61 -0.26
N GLU A 62 -11.72 -22.11 -1.09
CA GLU A 62 -12.15 -21.40 -2.29
C GLU A 62 -13.44 -20.61 -2.04
N GLU A 63 -13.28 -19.31 -1.76
CA GLU A 63 -14.39 -18.44 -1.41
C GLU A 63 -15.16 -17.93 -2.64
N GLY A 64 -14.59 -18.12 -3.83
CA GLY A 64 -15.26 -17.76 -5.09
C GLY A 64 -14.89 -16.40 -5.67
N GLY A 65 -14.28 -15.56 -4.85
CA GLY A 65 -13.88 -14.21 -5.27
C GLY A 65 -12.48 -14.15 -5.90
N GLU A 66 -11.71 -15.22 -5.72
CA GLU A 66 -10.32 -15.27 -6.17
C GLU A 66 -10.16 -15.30 -7.70
N ALA A 67 -9.08 -14.70 -8.16
CA ALA A 67 -8.75 -14.68 -9.59
C ALA A 67 -7.25 -14.59 -9.69
N VAL A 68 -6.67 -15.44 -10.55
CA VAL A 68 -5.22 -15.43 -10.80
C VAL A 68 -4.99 -14.69 -12.11
N HIS A 69 -4.01 -13.79 -12.11
CA HIS A 69 -3.73 -13.04 -13.33
C HIS A 69 -2.29 -13.22 -13.70
N GLU A 70 -2.07 -13.41 -14.98
CA GLU A 70 -0.72 -13.42 -15.51
C GLU A 70 -0.22 -12.02 -15.74
N VAL A 71 1.08 -11.86 -15.51
CA VAL A 71 1.75 -10.59 -15.73
C VAL A 71 2.22 -10.46 -17.18
N GLU A 72 1.92 -9.32 -17.80
CA GLU A 72 2.34 -9.00 -19.16
C GLU A 72 3.64 -8.20 -19.21
N VAL A 73 3.79 -7.22 -18.32
CA VAL A 73 5.00 -6.39 -18.29
C VAL A 73 5.39 -6.18 -16.84
N VAL A 74 6.68 -6.32 -16.54
CA VAL A 74 7.23 -5.99 -15.22
C VAL A 74 8.04 -4.71 -15.37
N ILE A 75 7.65 -3.66 -14.64
CA ILE A 75 8.33 -2.37 -14.71
C ILE A 75 9.00 -2.13 -13.36
N LYS A 76 10.31 -2.33 -13.32
CA LYS A 76 11.10 -2.19 -12.11
C LYS A 76 11.79 -0.83 -12.13
N HIS A 77 11.91 -0.14 -10.98
CA HIS A 77 12.57 1.15 -10.98
C HIS A 77 14.04 0.91 -11.37
N ASN A 78 14.55 1.67 -12.32
CA ASN A 78 15.92 1.41 -12.84
C ASN A 78 17.02 1.76 -11.84
N ARG A 79 16.64 2.39 -10.73
CA ARG A 79 17.58 2.78 -9.69
C ARG A 79 17.51 1.88 -8.47
N PHE A 80 16.68 0.83 -8.52
CA PHE A 80 16.67 -0.14 -7.44
C PHE A 80 18.06 -0.71 -7.18
N THR A 81 18.46 -0.78 -5.91
CA THR A 81 19.71 -1.47 -5.55
C THR A 81 19.55 -2.39 -4.34
N LYS A 82 20.03 -3.62 -4.49
CA LYS A 82 19.89 -4.66 -3.46
C LYS A 82 20.67 -4.36 -2.18
N GLU A 83 21.64 -3.45 -2.29
CA GLU A 83 22.56 -3.18 -1.20
C GLU A 83 21.89 -2.39 -0.11
N THR A 84 20.95 -1.53 -0.50
CA THR A 84 20.27 -0.67 0.45
C THR A 84 18.72 -0.77 0.36
N TYR A 85 18.23 -1.40 -0.71
CA TYR A 85 16.79 -1.43 -1.06
C TYR A 85 16.23 -0.03 -1.31
N ASP A 86 17.09 0.90 -1.70
CA ASP A 86 16.68 2.22 -2.15
C ASP A 86 15.95 2.03 -3.49
N PHE A 87 14.94 2.86 -3.73
CA PHE A 87 14.10 2.72 -4.92
C PHE A 87 13.44 1.37 -4.99
N ASP A 88 12.92 0.88 -3.86
CA ASP A 88 12.35 -0.45 -3.82
C ASP A 88 10.90 -0.39 -4.32
N ILE A 89 10.73 -0.31 -5.65
CA ILE A 89 9.39 -0.11 -6.23
C ILE A 89 9.31 -0.68 -7.63
N ALA A 90 8.16 -1.30 -7.92
CA ALA A 90 7.92 -1.89 -9.22
C ALA A 90 6.44 -1.84 -9.49
N VAL A 91 6.10 -1.71 -10.77
CA VAL A 91 4.70 -1.85 -11.20
C VAL A 91 4.54 -3.00 -12.19
N LEU A 92 3.48 -3.80 -12.02
CA LEU A 92 3.12 -4.92 -12.90
C LEU A 92 1.92 -4.59 -13.77
N ARG A 93 2.04 -4.79 -15.09
CA ARG A 93 0.86 -4.73 -15.96
C ARG A 93 0.38 -6.14 -16.19
N LEU A 94 -0.90 -6.37 -15.94
CA LEU A 94 -1.49 -7.68 -16.10
C LEU A 94 -1.92 -7.92 -17.56
N LYS A 95 -1.90 -9.19 -17.97
CA LYS A 95 -2.38 -9.57 -19.32
C LYS A 95 -3.90 -9.36 -19.45
N THR A 96 -4.64 -9.62 -18.38
CA THR A 96 -6.12 -9.48 -18.41
C THR A 96 -6.58 -8.53 -17.28
N PRO A 97 -7.70 -7.80 -17.48
CA PRO A 97 -8.08 -6.85 -16.43
C PRO A 97 -8.71 -7.53 -15.22
N ILE A 98 -8.44 -6.95 -14.03
CA ILE A 98 -9.01 -7.46 -12.80
C ILE A 98 -10.48 -7.10 -12.79
N THR A 99 -11.31 -8.06 -12.40
CA THR A 99 -12.73 -7.84 -12.18
C THR A 99 -13.01 -7.42 -10.73
N PHE A 100 -13.36 -6.17 -10.54
CA PHE A 100 -13.59 -5.70 -9.16
C PHE A 100 -14.86 -6.34 -8.62
N ARG A 101 -14.88 -6.63 -7.32
CA ARG A 101 -15.97 -7.31 -6.69
C ARG A 101 -15.70 -7.25 -5.21
N MET A 102 -16.53 -7.95 -4.44
CA MET A 102 -16.28 -8.11 -3.02
C MET A 102 -14.86 -8.61 -2.83
N ASN A 103 -14.10 -7.91 -2.00
CA ASN A 103 -12.68 -8.22 -1.72
C ASN A 103 -11.69 -7.94 -2.84
N VAL A 104 -12.12 -7.25 -3.90
CA VAL A 104 -11.20 -6.95 -5.00
C VAL A 104 -11.53 -5.56 -5.48
N ALA A 105 -10.73 -4.60 -5.04
CA ALA A 105 -10.90 -3.18 -5.45
C ALA A 105 -9.57 -2.45 -5.29
N PRO A 106 -9.36 -1.38 -6.07
CA PRO A 106 -8.09 -0.66 -5.95
C PRO A 106 -8.05 0.30 -4.76
N ALA A 107 -6.83 0.60 -4.33
CA ALA A 107 -6.52 1.64 -3.38
C ALA A 107 -6.34 2.91 -4.21
N CYS A 108 -6.60 4.08 -3.61
CA CYS A 108 -6.44 5.36 -4.31
C CYS A 108 -4.99 5.79 -4.27
N LEU A 109 -4.56 6.40 -5.37
CA LEU A 109 -3.24 7.06 -5.39
C LEU A 109 -3.46 8.50 -5.00
N PRO A 110 -2.74 8.99 -4.00
CA PRO A 110 -2.97 10.38 -3.60
C PRO A 110 -2.12 11.32 -4.46
N GLU A 111 -2.37 12.62 -4.34
CA GLU A 111 -1.40 13.61 -4.80
C GLU A 111 -0.27 13.82 -3.80
N ARG A 112 0.93 14.09 -4.32
CA ARG A 112 2.10 14.18 -3.45
C ARG A 112 2.01 15.15 -2.30
N ASP A 113 1.82 16.45 -2.55
CA ASP A 113 1.92 17.37 -1.44
C ASP A 113 0.91 17.12 -0.37
N TRP A 114 -0.34 16.91 -0.79
CA TRP A 114 -1.41 16.60 0.15
C TRP A 114 -1.10 15.34 0.94
N ALA A 115 -0.60 14.29 0.28
CA ALA A 115 -0.30 13.08 1.04
C ALA A 115 0.80 13.29 2.11
N GLU A 116 1.83 14.03 1.73
CA GLU A 116 2.90 14.37 2.68
C GLU A 116 2.43 15.23 3.83
N SER A 117 1.54 16.19 3.55
CA SER A 117 1.15 17.09 4.65
C SER A 117 -0.03 16.57 5.45
N THR A 118 -0.83 15.72 4.82
CA THR A 118 -2.10 15.32 5.43
C THR A 118 -2.21 13.83 5.76
N LEU A 119 -1.76 12.96 4.87
CA LEU A 119 -1.79 11.52 5.15
C LEU A 119 -0.63 11.09 6.05
N MET A 120 0.57 11.47 5.67
CA MET A 120 1.73 11.01 6.40
C MET A 120 1.98 11.66 7.75
N THR A 121 1.15 12.65 8.08
CA THR A 121 1.15 13.28 9.40
C THR A 121 0.01 12.75 10.23
N GLN A 122 -0.74 11.77 9.69
CA GLN A 122 -1.80 11.11 10.48
C GLN A 122 -1.06 10.30 11.53
N LYS A 123 -1.79 9.86 12.55
CA LYS A 123 -1.21 9.03 13.58
C LYS A 123 -0.70 7.68 13.07
N THR A 124 -1.53 7.00 12.26
CA THR A 124 -1.24 5.63 11.82
C THR A 124 -1.49 5.39 10.34
N GLY A 125 -0.92 4.31 9.83
CA GLY A 125 -1.33 3.68 8.58
C GLY A 125 -1.67 2.22 8.84
N ILE A 126 -1.97 1.49 7.78
CA ILE A 126 -2.39 0.10 7.90
C ILE A 126 -1.56 -0.70 6.93
N VAL A 127 -0.98 -1.80 7.41
CA VAL A 127 -0.17 -2.66 6.56
C VAL A 127 -0.89 -4.01 6.55
N SER A 128 -0.82 -4.75 5.47
CA SER A 128 -1.58 -5.99 5.39
C SER A 128 -0.77 -7.02 4.62
N GLY A 129 -1.02 -8.30 4.89
CA GLY A 129 -0.42 -9.36 4.10
C GLY A 129 -0.60 -10.76 4.65
N PHE A 130 -0.03 -11.70 3.91
CA PHE A 130 -0.11 -13.14 4.14
C PHE A 130 1.21 -13.64 4.72
N GLY A 131 2.10 -12.76 5.13
CA GLY A 131 3.43 -13.17 5.60
C GLY A 131 3.35 -13.84 6.97
N ARG A 132 4.53 -14.12 7.53
CA ARG A 132 4.66 -14.79 8.81
C ARG A 132 4.02 -14.08 10.00
N THR A 133 3.50 -14.86 10.94
CA THR A 133 2.87 -14.31 12.14
C THR A 133 3.83 -14.19 13.34
N HIS A 134 5.07 -14.61 13.09
CA HIS A 134 6.19 -14.49 14.02
C HIS A 134 7.44 -14.60 13.15
N GLU A 135 8.51 -13.98 13.59
CA GLU A 135 9.77 -13.99 12.84
C GLU A 135 10.18 -15.38 12.32
N LYS A 136 10.06 -16.39 13.18
CA LYS A 136 10.58 -17.72 12.87
C LYS A 136 9.52 -18.68 12.28
N GLY A 137 8.27 -18.23 12.18
CA GLY A 137 7.14 -19.09 11.83
C GLY A 137 6.84 -19.34 10.36
N ARG A 138 5.66 -19.88 10.08
CA ARG A 138 5.20 -20.05 8.70
C ARG A 138 4.31 -18.89 8.26
N GLN A 139 4.09 -18.78 6.95
CA GLN A 139 3.19 -17.78 6.38
C GLN A 139 1.77 -18.00 6.88
N SER A 140 1.02 -16.90 6.96
CA SER A 140 -0.36 -16.98 7.37
C SER A 140 -1.17 -17.53 6.21
N THR A 141 -2.13 -18.39 6.50
CA THR A 141 -3.04 -18.81 5.47
C THR A 141 -4.19 -17.78 5.43
N ARG A 142 -4.22 -16.87 6.39
CA ARG A 142 -5.28 -15.83 6.49
C ARG A 142 -4.69 -14.47 6.15
N LEU A 143 -5.41 -13.66 5.36
CA LEU A 143 -4.99 -12.27 5.21
C LEU A 143 -5.11 -11.51 6.52
N LYS A 144 -4.02 -10.86 6.92
CA LYS A 144 -4.02 -10.04 8.12
C LYS A 144 -3.75 -8.56 7.82
N MET A 145 -4.20 -7.71 8.74
CA MET A 145 -3.91 -6.28 8.71
C MET A 145 -3.47 -5.79 10.10
N LEU A 146 -2.80 -4.64 10.12
CA LEU A 146 -2.23 -4.08 11.35
C LEU A 146 -2.15 -2.57 11.22
N GLU A 147 -2.67 -1.85 12.23
CA GLU A 147 -2.40 -0.41 12.37
C GLU A 147 -0.97 -0.18 12.82
N VAL A 148 -0.24 0.64 12.06
CA VAL A 148 1.15 0.94 12.38
C VAL A 148 1.34 2.44 12.48
N PRO A 149 1.74 2.92 13.69
CA PRO A 149 2.04 4.34 13.84
C PRO A 149 3.14 4.77 12.89
N TYR A 150 3.04 5.97 12.34
CA TYR A 150 4.16 6.59 11.64
C TYR A 150 5.22 6.90 12.67
N VAL A 151 6.48 6.67 12.31
CA VAL A 151 7.59 6.88 13.21
C VAL A 151 8.42 8.10 12.76
N ASP A 152 8.63 8.98 13.73
CA ASP A 152 9.56 10.10 13.60
C ASP A 152 10.81 9.69 12.84
N ARG A 153 11.11 10.46 11.82
CA ARG A 153 12.20 10.16 10.93
C ARG A 153 13.59 10.09 11.63
N ASN A 154 13.83 11.04 12.53
CA ASN A 154 15.08 11.04 13.29
C ASN A 154 15.23 9.74 14.12
N SER A 155 14.18 9.42 14.87
CA SER A 155 14.19 8.26 15.75
C SER A 155 14.47 7.01 14.94
N CYS A 156 13.84 6.93 13.77
CA CYS A 156 14.04 5.76 12.95
C CYS A 156 15.49 5.65 12.49
N LYS A 157 16.10 6.76 12.09
CA LYS A 157 17.46 6.74 11.60
C LYS A 157 18.38 6.38 12.77
N LEU A 158 18.09 6.93 13.94
CA LEU A 158 18.83 6.58 15.15
C LEU A 158 18.81 5.07 15.40
N SER A 159 17.63 4.49 15.28
CA SER A 159 17.37 3.07 15.55
C SER A 159 17.99 2.08 14.57
N SER A 160 18.37 2.55 13.39
CA SER A 160 18.62 1.63 12.27
C SER A 160 20.11 1.38 12.01
N SER A 161 20.42 0.12 11.71
CA SER A 161 21.77 -0.31 11.44
C SER A 161 22.06 -0.12 9.97
N PHE A 162 21.02 0.18 9.19
CA PHE A 162 21.17 0.36 7.75
C PHE A 162 20.62 1.73 7.37
N ILE A 163 21.16 2.29 6.30
CA ILE A 163 20.79 3.64 5.88
C ILE A 163 19.30 3.76 5.55
N ILE A 164 18.64 4.78 6.11
CA ILE A 164 17.27 5.14 5.73
C ILE A 164 17.32 6.31 4.74
N THR A 165 17.01 6.06 3.47
CA THR A 165 17.09 7.11 2.45
C THR A 165 15.79 7.90 2.39
N GLN A 166 15.77 8.93 1.56
CA GLN A 166 14.58 9.75 1.45
C GLN A 166 13.48 9.06 0.68
N ASN A 167 13.77 7.88 0.14
CA ASN A 167 12.77 7.06 -0.55
C ASN A 167 12.15 6.05 0.38
N MET A 168 12.35 6.26 1.68
CA MET A 168 11.85 5.33 2.69
C MET A 168 11.25 6.12 3.83
N PHE A 169 10.33 5.47 4.56
CA PHE A 169 9.91 5.94 5.86
C PHE A 169 9.73 4.74 6.79
N CYS A 170 9.54 5.02 8.06
CA CYS A 170 9.48 3.96 9.08
C CYS A 170 8.13 3.99 9.72
N ALA A 171 7.61 2.81 10.05
CA ALA A 171 6.34 2.74 10.75
C ALA A 171 6.38 1.52 11.66
N GLY A 172 5.55 1.54 12.70
CA GLY A 172 5.43 0.38 13.58
C GLY A 172 5.66 0.77 15.03
N TYR A 173 6.37 -0.09 15.75
CA TYR A 173 6.40 0.04 17.21
C TYR A 173 7.81 -0.19 17.73
N ASP A 174 8.18 0.59 18.74
CA ASP A 174 9.48 0.39 19.39
C ASP A 174 9.57 -1.01 20.01
N THR A 175 8.71 -1.31 20.98
CA THR A 175 8.78 -2.58 21.68
C THR A 175 7.56 -3.49 21.48
N LYS A 176 6.37 -2.91 21.33
CA LYS A 176 5.17 -3.72 21.11
C LYS A 176 5.40 -4.74 20.01
N GLN A 177 4.86 -5.93 20.21
CA GLN A 177 5.04 -7.09 19.32
C GLN A 177 4.11 -7.13 18.08
N GLU A 178 4.24 -6.12 17.22
CA GLU A 178 3.36 -5.94 16.07
C GLU A 178 4.15 -5.27 14.96
N ASP A 179 4.20 -5.91 13.80
CA ASP A 179 5.03 -5.48 12.66
C ASP A 179 4.57 -6.29 11.45
N ALA A 180 4.98 -5.85 10.25
CA ALA A 180 4.98 -6.66 9.05
C ALA A 180 6.10 -7.68 9.25
N CYS A 181 6.23 -8.62 8.33
CA CYS A 181 7.24 -9.68 8.45
C CYS A 181 7.52 -10.32 7.09
N GLN A 182 8.28 -11.41 7.08
CA GLN A 182 8.69 -12.04 5.82
C GLN A 182 7.46 -12.47 5.03
N GLY A 183 7.44 -12.24 3.72
CA GLY A 183 6.28 -12.62 2.89
C GLY A 183 5.24 -11.50 2.72
N ASP A 184 5.28 -10.53 3.64
CA ASP A 184 4.46 -9.32 3.53
C ASP A 184 5.04 -8.32 2.54
N SER A 185 6.32 -8.51 2.21
CA SER A 185 7.10 -7.57 1.41
C SER A 185 6.37 -7.29 0.12
N GLY A 186 6.43 -6.05 -0.35
CA GLY A 186 5.76 -5.68 -1.59
C GLY A 186 4.30 -5.29 -1.37
N GLY A 187 3.75 -5.61 -0.20
CA GLY A 187 2.32 -5.35 0.07
C GLY A 187 1.98 -3.90 0.37
N PRO A 188 0.68 -3.63 0.62
CA PRO A 188 0.12 -2.29 0.87
C PRO A 188 0.51 -1.73 2.23
N HIS A 189 0.85 -0.45 2.24
CA HIS A 189 0.71 0.39 3.41
C HIS A 189 -0.25 1.45 2.92
N VAL A 190 -1.39 1.57 3.58
CA VAL A 190 -2.40 2.55 3.19
C VAL A 190 -2.74 3.42 4.39
N THR A 191 -3.21 4.63 4.09
CA THR A 191 -3.61 5.55 5.15
C THR A 191 -5.07 5.93 4.89
N ARG A 192 -5.88 5.84 5.95
CA ARG A 192 -7.29 6.16 5.85
C ARG A 192 -7.48 7.65 6.08
N PHE A 193 -8.30 8.25 5.21
CA PHE A 193 -8.74 9.63 5.39
C PHE A 193 -10.20 9.76 5.05
N LYS A 194 -11.02 10.14 6.05
CA LYS A 194 -12.48 10.17 5.80
C LYS A 194 -13.02 8.92 5.10
N ASP A 195 -12.75 7.76 5.66
CA ASP A 195 -13.27 6.52 5.09
C ASP A 195 -12.82 6.17 3.66
N THR A 196 -11.73 6.79 3.19
CA THR A 196 -11.12 6.41 1.92
C THR A 196 -9.64 6.10 2.16
N TYR A 197 -9.17 4.99 1.55
CA TYR A 197 -7.84 4.46 1.85
C TYR A 197 -6.95 4.79 0.66
N PHE A 198 -5.81 5.42 0.98
CA PHE A 198 -4.81 5.86 -0.04
C PHE A 198 -3.49 5.13 0.10
N VAL A 199 -2.90 4.66 -1.01
CA VAL A 199 -1.58 4.05 -0.93
C VAL A 199 -0.54 5.04 -0.44
N THR A 200 0.14 4.72 0.67
CA THR A 200 1.18 5.59 1.22
C THR A 200 2.55 4.90 1.27
N GLY A 201 2.55 3.57 1.18
CA GLY A 201 3.80 2.82 1.31
C GLY A 201 3.77 1.44 0.65
N ILE A 202 4.95 0.84 0.51
CA ILE A 202 5.07 -0.53 0.01
C ILE A 202 5.93 -1.23 1.07
N VAL A 203 5.50 -2.37 1.60
CA VAL A 203 6.28 -3.08 2.63
C VAL A 203 7.66 -3.42 2.03
N SER A 204 8.75 -3.00 2.69
CA SER A 204 10.07 -3.08 2.05
C SER A 204 11.07 -3.94 2.81
N TRP A 205 11.41 -3.53 4.03
CA TRP A 205 12.37 -4.29 4.83
C TRP A 205 12.28 -4.02 6.33
N GLY A 206 12.97 -4.86 7.11
CA GLY A 206 13.07 -4.65 8.53
C GLY A 206 14.21 -5.52 9.04
N GLU A 207 14.72 -5.17 10.21
CA GLU A 207 15.75 -6.02 10.86
C GLU A 207 15.01 -7.11 11.65
N GLY A 208 14.71 -8.23 10.99
CA GLY A 208 13.74 -9.19 11.51
C GLY A 208 12.33 -8.62 11.59
N CYS A 209 11.52 -9.12 12.51
CA CYS A 209 10.15 -8.68 12.63
C CYS A 209 9.76 -8.37 14.07
N ALA A 210 9.29 -7.14 14.30
CA ALA A 210 8.80 -6.69 15.61
C ALA A 210 9.88 -6.69 16.72
N ARG A 211 11.15 -6.65 16.31
CA ARG A 211 12.23 -6.57 17.27
C ARG A 211 12.24 -5.28 18.08
N LYS A 212 12.75 -5.37 19.31
CA LYS A 212 12.79 -4.22 20.20
C LYS A 212 13.72 -3.16 19.64
N GLY A 213 13.28 -1.89 19.69
CA GLY A 213 14.05 -0.80 19.12
C GLY A 213 14.29 -0.87 17.62
N LYS A 214 13.51 -1.71 16.91
CA LYS A 214 13.51 -1.73 15.44
C LYS A 214 12.09 -1.48 14.87
N TYR A 215 12.03 -0.83 13.70
CA TYR A 215 10.75 -0.44 13.09
C TYR A 215 10.62 -1.06 11.69
N GLY A 216 9.43 -1.02 11.08
CA GLY A 216 9.30 -1.53 9.70
C GLY A 216 9.66 -0.41 8.72
N ILE A 217 10.38 -0.76 7.65
CA ILE A 217 10.78 0.21 6.65
C ILE A 217 9.99 0.02 5.34
N TYR A 218 9.42 1.13 4.86
CA TYR A 218 8.46 1.10 3.77
C TYR A 218 8.97 2.00 2.65
N THR A 219 8.78 1.59 1.39
CA THR A 219 9.04 2.51 0.28
C THR A 219 8.09 3.71 0.40
N LYS A 220 8.62 4.91 0.24
CA LYS A 220 7.86 6.15 0.28
C LYS A 220 7.19 6.41 -1.07
N VAL A 221 5.93 6.01 -1.15
CA VAL A 221 5.19 6.09 -2.39
C VAL A 221 5.08 7.52 -2.88
N THR A 222 4.99 8.49 -1.95
CA THR A 222 4.86 9.87 -2.41
C THR A 222 6.06 10.33 -3.22
N ALA A 223 7.22 9.71 -3.01
CA ALA A 223 8.42 10.03 -3.79
C ALA A 223 8.30 9.53 -5.24
N PHE A 224 7.33 8.66 -5.50
CA PHE A 224 7.27 7.97 -6.78
C PHE A 224 5.96 8.15 -7.52
N LEU A 225 5.15 9.12 -7.12
CA LEU A 225 3.84 9.25 -7.76
C LEU A 225 3.92 9.63 -9.24
N LYS A 226 4.85 10.50 -9.62
CA LYS A 226 5.07 10.74 -11.06
C LYS A 226 5.54 9.49 -11.77
N TRP A 227 6.49 8.76 -11.17
CA TRP A 227 7.03 7.53 -11.74
C TRP A 227 5.91 6.51 -11.95
N ILE A 228 5.08 6.31 -10.92
CA ILE A 228 3.96 5.40 -11.04
C ILE A 228 3.03 5.82 -12.19
N ASP A 229 2.69 7.11 -12.26
CA ASP A 229 1.74 7.59 -13.25
C ASP A 229 2.28 7.32 -14.65
N ARG A 230 3.58 7.59 -14.85
CA ARG A 230 4.25 7.28 -16.11
C ARG A 230 4.24 5.80 -16.45
N SER A 231 4.60 4.96 -15.50
CA SER A 231 4.56 3.52 -15.70
C SER A 231 3.18 2.98 -16.11
N MET A 232 2.12 3.62 -15.63
CA MET A 232 0.75 3.14 -15.88
C MET A 232 0.22 3.68 -17.21
N LYS A 233 0.91 4.66 -17.78
CA LYS A 233 0.48 5.26 -19.05
C LYS A 233 0.99 4.44 -20.22
N THR A 234 2.14 3.79 -20.05
CA THR A 234 2.52 2.63 -20.86
C THR A 234 3.16 1.54 -20.00
N ARG B 81 -3.91 28.21 11.96
CA ARG B 81 -4.45 27.14 11.06
C ARG B 81 -5.48 27.74 10.11
N LYS B 82 -5.06 28.03 8.89
CA LYS B 82 -5.92 28.58 7.84
C LYS B 82 -6.05 27.62 6.65
N LEU B 83 -7.10 27.81 5.86
CA LEU B 83 -7.31 27.10 4.60
C LEU B 83 -7.12 25.59 4.75
N CYS B 84 -6.29 25.00 3.88
CA CYS B 84 -6.07 23.56 3.90
C CYS B 84 -5.59 23.05 5.25
N SER B 85 -4.97 23.93 6.04
CA SER B 85 -4.49 23.49 7.35
C SER B 85 -5.64 23.40 8.33
N LEU B 86 -6.77 24.05 8.03
CA LEU B 86 -7.96 24.02 8.90
C LEU B 86 -8.94 22.96 8.43
N ASP B 87 -8.94 21.82 9.12
CA ASP B 87 -9.78 20.69 8.75
C ASP B 87 -9.75 20.33 7.26
N ASN B 88 -8.57 20.29 6.65
CA ASN B 88 -8.45 19.89 5.24
C ASN B 88 -9.24 20.80 4.31
N GLY B 89 -9.49 22.04 4.76
CA GLY B 89 -10.23 23.02 3.98
C GLY B 89 -11.69 22.62 3.75
N ASP B 90 -12.19 21.69 4.55
CA ASP B 90 -13.56 21.12 4.36
C ASP B 90 -13.66 20.18 3.17
N CYS B 91 -12.53 19.85 2.54
CA CYS B 91 -12.55 18.96 1.36
C CYS B 91 -12.68 17.50 1.76
N ASP B 92 -13.28 16.66 0.92
CA ASP B 92 -13.36 15.25 1.20
C ASP B 92 -11.96 14.63 0.98
N GLN B 93 -11.25 15.11 -0.04
CA GLN B 93 -10.00 14.46 -0.39
C GLN B 93 -8.89 15.52 -0.52
N PHE B 94 -8.41 15.78 -1.72
CA PHE B 94 -7.20 16.60 -1.88
C PHE B 94 -7.59 18.04 -1.67
N CYS B 95 -6.73 18.76 -0.97
CA CYS B 95 -6.89 20.21 -0.76
C CYS B 95 -5.61 20.89 -1.25
N HIS B 96 -5.77 21.95 -2.05
CA HIS B 96 -4.70 22.83 -2.51
C HIS B 96 -5.13 24.28 -2.28
N GLU B 97 -4.15 25.15 -2.00
CA GLU B 97 -4.41 26.58 -1.82
C GLU B 97 -3.98 27.29 -3.11
N GLU B 98 -4.96 27.87 -3.80
CA GLU B 98 -4.74 28.55 -5.08
C GLU B 98 -5.18 29.99 -4.92
N GLN B 99 -4.34 30.92 -5.36
CA GLN B 99 -4.52 32.33 -4.96
C GLN B 99 -4.58 32.27 -3.43
N ASN B 100 -5.59 32.83 -2.77
CA ASN B 100 -5.62 32.65 -1.31
C ASN B 100 -6.83 31.87 -0.80
N SER B 101 -7.20 30.87 -1.60
CA SER B 101 -8.49 30.20 -1.54
C SER B 101 -8.27 28.67 -1.50
N VAL B 102 -9.13 27.95 -0.76
CA VAL B 102 -9.09 26.48 -0.72
C VAL B 102 -9.60 25.99 -2.06
N VAL B 103 -8.89 25.05 -2.68
CA VAL B 103 -9.42 24.36 -3.87
C VAL B 103 -9.37 22.85 -3.64
N CYS B 104 -10.53 22.19 -3.74
CA CYS B 104 -10.61 20.74 -3.45
C CYS B 104 -10.55 19.97 -4.77
N SER B 105 -10.06 18.75 -4.74
CA SER B 105 -10.16 17.87 -5.90
C SER B 105 -10.21 16.45 -5.37
N CYS B 106 -10.36 15.49 -6.27
CA CYS B 106 -10.60 14.07 -5.90
C CYS B 106 -9.67 13.12 -6.69
N ALA B 107 -9.46 11.92 -6.14
CA ALA B 107 -8.77 10.84 -6.82
C ALA B 107 -9.46 10.42 -8.11
N ARG B 108 -8.70 9.77 -8.99
CA ARG B 108 -9.30 9.31 -10.26
C ARG B 108 -10.45 8.35 -9.95
N GLY B 109 -11.55 8.49 -10.68
CA GLY B 109 -12.74 7.66 -10.46
C GLY B 109 -13.77 8.32 -9.55
N TYR B 110 -13.47 9.54 -9.10
CA TYR B 110 -14.41 10.36 -8.35
C TYR B 110 -14.62 11.66 -9.14
N THR B 111 -15.79 12.27 -8.99
CA THR B 111 -15.95 13.65 -9.46
C THR B 111 -16.27 14.57 -8.29
N LEU B 112 -15.82 15.81 -8.41
CA LEU B 112 -16.09 16.80 -7.39
C LEU B 112 -17.55 17.22 -7.47
N ALA B 113 -18.22 17.14 -6.34
CA ALA B 113 -19.63 17.50 -6.25
C ALA B 113 -19.82 19.00 -6.46
N ASP B 114 -21.09 19.39 -6.64
CA ASP B 114 -21.48 20.78 -6.88
C ASP B 114 -21.05 21.76 -5.81
N ASN B 115 -20.94 21.30 -4.56
CA ASN B 115 -20.45 22.18 -3.52
C ASN B 115 -18.93 22.36 -3.59
N GLY B 116 -18.30 21.74 -4.59
CA GLY B 116 -16.84 21.88 -4.78
C GLY B 116 -15.99 21.32 -3.66
N LYS B 117 -16.57 20.45 -2.84
CA LYS B 117 -15.88 19.89 -1.67
C LYS B 117 -15.97 18.37 -1.61
N ALA B 118 -17.18 17.83 -1.81
CA ALA B 118 -17.36 16.37 -1.72
C ALA B 118 -16.90 15.66 -3.00
N CYS B 119 -16.52 14.40 -2.86
CA CYS B 119 -16.05 13.58 -3.96
C CYS B 119 -17.08 12.48 -4.19
N ILE B 120 -17.56 12.35 -5.42
CA ILE B 120 -18.62 11.39 -5.76
C ILE B 120 -18.07 10.30 -6.69
N PRO B 121 -18.18 9.04 -6.28
CA PRO B 121 -17.65 7.93 -7.10
C PRO B 121 -18.37 7.93 -8.44
N THR B 122 -17.63 7.78 -9.53
CA THR B 122 -18.24 7.86 -10.85
C THR B 122 -18.89 6.55 -11.26
N GLY B 123 -18.48 5.47 -10.62
CA GLY B 123 -19.04 4.18 -10.97
C GLY B 123 -18.73 3.18 -9.89
N PRO B 124 -18.94 1.90 -10.19
CA PRO B 124 -18.80 0.86 -9.18
C PRO B 124 -17.33 0.61 -8.78
N TYR B 125 -17.16 0.11 -7.56
CA TYR B 125 -15.86 -0.17 -6.96
C TYR B 125 -14.86 0.99 -7.08
N PRO B 126 -15.21 2.16 -6.50
CA PRO B 126 -14.29 3.30 -6.57
C PRO B 126 -13.05 2.98 -5.74
N CYS B 127 -11.93 3.59 -6.09
CA CYS B 127 -10.73 3.32 -5.33
C CYS B 127 -10.90 3.73 -3.87
N GLY B 128 -10.22 2.99 -3.03
CA GLY B 128 -10.07 3.38 -1.60
C GLY B 128 -11.24 3.06 -0.70
N LYS B 129 -12.26 2.38 -1.23
CA LYS B 129 -13.45 2.01 -0.42
C LYS B 129 -13.47 0.52 -0.12
N GLN B 130 -13.56 0.17 1.14
CA GLN B 130 -13.79 -1.24 1.53
C GLN B 130 -15.07 -1.74 0.88
N THR B 131 -15.09 -3.00 0.45
CA THR B 131 -16.23 -3.48 -0.33
C THR B 131 -17.33 -4.01 0.60
N LEU B 132 -18.57 -3.60 0.36
CA LEU B 132 -19.72 -4.04 1.18
C LEU B 132 -20.65 -4.90 0.34
#